data_8UF9
#
_entry.id   8UF9
#
_cell.length_a   117.630
_cell.length_b   63.560
_cell.length_c   96.340
_cell.angle_alpha   90.00
_cell.angle_beta   141.01
_cell.angle_gamma   90.00
#
_symmetry.space_group_name_H-M   'C 1 2 1'
#
loop_
_entity.id
_entity.type
_entity.pdbx_description
1 polymer 'Thiol:disulfide interchange protein DsbA'
2 non-polymer '2-benzyl-4-phenyl-1,3-thiazole-5-carboxylic acid'
3 non-polymer 'COPPER (II) ION'
4 water water
#
_entity_poly.entity_id   1
_entity_poly.type   'polypeptide(L)'
_entity_poly.pdbx_seq_one_letter_code
;AQYEDGKQYTTLEKPVAGAPQVLEFFSFFCPHCYQFEEVLHISDNVKKKLPEGVKMTKYHVNFMGGDLGKDLTQAWAVAM
ALGVEDKVTVPLFEGVQKTQTIRSASDIRDVFINAGIKGEEYDAAWNSFVVKSLVAQQEKAAADVQLRGVPAMFVNGKYQ
LNPQGMDTSNMDVFVQQYADTVKYLSEKK
;
_entity_poly.pdbx_strand_id   A,B
#
# COMPACT_ATOMS: atom_id res chain seq x y z
N ALA A 1 -5.06 -5.30 -33.06
CA ALA A 1 -5.09 -3.85 -32.84
C ALA A 1 -4.12 -3.43 -31.72
N GLN A 2 -3.90 -2.13 -31.58
CA GLN A 2 -3.08 -1.65 -30.50
C GLN A 2 -3.87 -1.77 -29.18
N TYR A 3 -5.14 -1.39 -29.19
CA TYR A 3 -5.99 -1.62 -28.03
C TYR A 3 -6.89 -2.81 -28.34
N GLU A 4 -6.92 -3.76 -27.41
CA GLU A 4 -7.74 -4.94 -27.58
C GLU A 4 -8.48 -5.30 -26.31
N ASP A 5 -9.74 -5.67 -26.48
CA ASP A 5 -10.51 -6.26 -25.41
C ASP A 5 -9.79 -7.49 -24.84
N GLY A 6 -9.50 -7.44 -23.55
CA GLY A 6 -8.79 -8.52 -22.88
C GLY A 6 -7.38 -8.10 -22.52
N LYS A 7 -6.92 -7.02 -23.12
CA LYS A 7 -5.57 -6.53 -22.85
C LYS A 7 -5.58 -5.28 -21.95
N GLN A 8 -5.77 -4.10 -22.53
CA GLN A 8 -5.76 -2.87 -21.75
C GLN A 8 -7.11 -2.63 -21.08
N TYR A 9 -8.12 -3.39 -21.51
CA TYR A 9 -9.46 -3.26 -20.96
C TYR A 9 -10.28 -4.52 -21.21
N THR A 10 -11.39 -4.63 -20.49
CA THR A 10 -12.36 -5.69 -20.72
C THR A 10 -13.70 -5.03 -20.97
N THR A 11 -14.64 -5.76 -21.56
CA THR A 11 -15.93 -5.17 -21.90
C THR A 11 -17.01 -5.81 -21.08
N LEU A 12 -17.95 -5.02 -20.60
CA LEU A 12 -18.95 -5.52 -19.66
C LEU A 12 -20.00 -6.35 -20.39
N GLU A 13 -20.25 -7.56 -19.87
CA GLU A 13 -21.25 -8.44 -20.44
C GLU A 13 -22.62 -7.79 -20.26
N LYS A 14 -22.76 -7.07 -19.16
CA LYS A 14 -23.98 -6.34 -18.86
C LYS A 14 -23.68 -4.84 -18.86
N PRO A 15 -23.85 -4.19 -20.01
CA PRO A 15 -23.63 -2.73 -20.06
C PRO A 15 -24.55 -2.02 -19.10
N VAL A 16 -24.05 -0.96 -18.47
CA VAL A 16 -24.80 -0.25 -17.44
C VAL A 16 -25.38 1.04 -17.99
N ALA A 17 -26.71 1.05 -18.14
CA ALA A 17 -27.42 2.20 -18.68
C ALA A 17 -27.35 3.38 -17.72
N GLY A 18 -26.90 4.52 -18.23
CA GLY A 18 -26.97 5.77 -17.49
C GLY A 18 -25.93 5.98 -16.43
N ALA A 19 -24.88 5.16 -16.44
CA ALA A 19 -23.77 5.34 -15.50
C ALA A 19 -22.94 6.56 -15.86
N PRO A 20 -22.14 7.07 -14.91
CA PRO A 20 -21.28 8.25 -15.14
C PRO A 20 -20.19 7.94 -16.17
N GLN A 21 -19.70 8.97 -16.87
CA GLN A 21 -18.76 8.77 -17.98
C GLN A 21 -17.46 8.10 -17.54
N VAL A 22 -16.77 8.71 -16.57
CA VAL A 22 -15.59 8.08 -15.95
C VAL A 22 -15.89 7.76 -14.49
N LEU A 23 -15.90 6.48 -14.16
CA LEU A 23 -16.30 6.03 -12.83
C LEU A 23 -15.22 5.21 -12.13
N GLU A 24 -14.63 5.77 -11.08
CA GLU A 24 -13.63 5.03 -10.30
C GLU A 24 -14.17 4.52 -8.96
N PHE A 25 -13.77 3.30 -8.59
CA PHE A 25 -14.09 2.78 -7.28
C PHE A 25 -12.81 2.53 -6.53
N PHE A 26 -12.82 2.88 -5.24
CA PHE A 26 -11.65 2.70 -4.39
C PHE A 26 -12.10 2.36 -2.97
N SER A 27 -11.13 1.93 -2.16
CA SER A 27 -11.35 1.74 -0.74
C SER A 27 -10.14 2.31 -0.03
N PHE A 28 -10.38 3.00 1.08
CA PHE A 28 -9.28 3.51 1.85
C PHE A 28 -8.48 2.36 2.47
N PHE A 29 -9.00 1.13 2.35
CA PHE A 29 -8.28 -0.08 2.75
C PHE A 29 -7.47 -0.74 1.61
N CYS A 30 -7.58 -0.20 0.40
CA CYS A 30 -7.01 -0.82 -0.79
C CYS A 30 -5.57 -0.34 -1.03
N PRO A 31 -4.60 -1.27 -0.99
CA PRO A 31 -3.19 -0.80 -1.11
C PRO A 31 -2.83 -0.18 -2.46
N HIS A 32 -3.32 -0.72 -3.57
CA HIS A 32 -3.06 -0.07 -4.86
C HIS A 32 -3.84 1.23 -4.98
N CYS A 33 -4.97 1.33 -4.27
CA CYS A 33 -5.72 2.58 -4.27
C CYS A 33 -4.86 3.66 -3.62
N TYR A 34 -4.21 3.31 -2.51
CA TYR A 34 -3.16 4.15 -1.90
C TYR A 34 -2.17 4.63 -2.96
N GLN A 35 -1.59 3.69 -3.70
N GLN A 35 -1.58 3.68 -3.67
CA GLN A 35 -0.66 4.05 -4.77
CA GLN A 35 -0.71 3.96 -4.83
C GLN A 35 -1.32 4.97 -5.80
C GLN A 35 -1.36 4.98 -5.75
N PHE A 36 -2.47 4.57 -6.33
CA PHE A 36 -3.19 5.38 -7.31
C PHE A 36 -3.37 6.81 -6.88
N GLU A 37 -3.65 7.00 -5.60
CA GLU A 37 -3.81 8.34 -5.06
C GLU A 37 -2.47 9.03 -4.82
N GLU A 38 -1.61 8.45 -3.98
CA GLU A 38 -0.42 9.18 -3.52
C GLU A 38 0.77 9.09 -4.47
N VAL A 39 1.04 7.89 -4.96
CA VAL A 39 2.22 7.61 -5.77
C VAL A 39 2.01 7.92 -7.26
N LEU A 40 0.85 7.51 -7.77
CA LEU A 40 0.56 7.57 -9.20
C LEU A 40 -0.31 8.77 -9.64
N HIS A 41 -1.17 9.25 -8.76
CA HIS A 41 -2.09 10.35 -9.10
C HIS A 41 -2.86 10.03 -10.37
N ILE A 42 -3.40 8.82 -10.39
CA ILE A 42 -4.15 8.32 -11.52
C ILE A 42 -5.27 9.27 -11.95
N SER A 43 -6.00 9.78 -10.97
CA SER A 43 -7.18 10.59 -11.30
C SER A 43 -6.77 11.86 -12.03
N ASP A 44 -5.83 12.61 -11.47
CA ASP A 44 -5.43 13.87 -12.09
C ASP A 44 -4.88 13.65 -13.50
N ASN A 45 -4.17 12.56 -13.68
CA ASN A 45 -3.52 12.30 -14.94
C ASN A 45 -4.49 11.84 -15.99
N VAL A 46 -5.54 11.12 -15.57
CA VAL A 46 -6.64 10.85 -16.50
C VAL A 46 -7.35 12.17 -16.85
N LYS A 47 -7.60 13.01 -15.86
CA LYS A 47 -8.32 14.25 -16.13
C LYS A 47 -7.60 15.14 -17.14
N LYS A 48 -6.26 15.16 -17.10
CA LYS A 48 -5.49 16.04 -17.98
C LYS A 48 -5.57 15.57 -19.43
N LYS A 49 -5.88 14.29 -19.63
CA LYS A 49 -5.92 13.71 -20.96
C LYS A 49 -7.34 13.59 -21.52
N LEU A 50 -8.33 13.95 -20.70
CA LEU A 50 -9.72 14.01 -21.16
C LEU A 50 -10.13 15.41 -21.60
N PRO A 51 -11.19 15.51 -22.42
CA PRO A 51 -11.69 16.84 -22.78
C PRO A 51 -12.17 17.58 -21.55
N GLU A 52 -11.86 18.87 -21.46
CA GLU A 52 -12.25 19.68 -20.31
C GLU A 52 -13.74 19.59 -19.99
N GLY A 53 -14.05 19.67 -18.70
CA GLY A 53 -15.42 19.73 -18.25
C GLY A 53 -16.15 18.41 -18.14
N VAL A 54 -15.62 17.35 -18.76
CA VAL A 54 -16.27 16.04 -18.67
C VAL A 54 -16.24 15.52 -17.23
N LYS A 55 -17.29 14.79 -16.85
CA LYS A 55 -17.46 14.36 -15.47
C LYS A 55 -16.63 13.14 -15.11
N MET A 56 -15.78 13.28 -14.10
CA MET A 56 -15.20 12.09 -13.46
C MET A 56 -15.86 11.88 -12.12
N THR A 57 -16.28 10.66 -11.86
CA THR A 57 -16.90 10.35 -10.58
C THR A 57 -16.10 9.28 -9.85
N LYS A 58 -15.94 9.46 -8.54
CA LYS A 58 -15.16 8.54 -7.70
C LYS A 58 -15.94 8.12 -6.46
N TYR A 59 -16.14 6.81 -6.29
CA TYR A 59 -16.91 6.28 -5.17
C TYR A 59 -16.13 5.29 -4.33
N HIS A 60 -16.47 5.27 -3.04
CA HIS A 60 -15.92 4.32 -2.07
C HIS A 60 -16.76 3.03 -2.06
N VAL A 61 -16.17 1.92 -1.65
CA VAL A 61 -16.86 0.63 -1.65
C VAL A 61 -16.83 0.01 -0.27
N ASN A 62 -17.81 -0.86 -0.01
CA ASN A 62 -17.94 -1.47 1.31
C ASN A 62 -17.11 -2.74 1.57
N PHE A 63 -16.70 -3.46 0.53
CA PHE A 63 -16.34 -4.88 0.74
C PHE A 63 -14.98 -5.10 1.40
N MET A 64 -14.20 -4.05 1.63
CA MET A 64 -12.95 -4.17 2.40
C MET A 64 -13.09 -3.48 3.75
N GLY A 65 -12.60 -4.12 4.80
CA GLY A 65 -12.54 -3.49 6.11
C GLY A 65 -13.77 -3.61 7.00
N GLY A 66 -14.72 -4.44 6.59
CA GLY A 66 -15.83 -4.78 7.48
C GLY A 66 -16.61 -3.57 7.95
N ASP A 67 -16.80 -3.47 9.26
CA ASP A 67 -17.53 -2.35 9.85
C ASP A 67 -16.97 -0.97 9.46
N LEU A 68 -15.67 -0.84 9.53
CA LEU A 68 -15.02 0.43 9.25
C LEU A 68 -15.10 0.76 7.76
N GLY A 69 -15.00 -0.27 6.93
CA GLY A 69 -15.16 -0.10 5.48
C GLY A 69 -16.46 0.61 5.16
N LYS A 70 -17.52 0.25 5.87
CA LYS A 70 -18.83 0.86 5.67
C LYS A 70 -18.89 2.26 6.26
N ASP A 71 -18.26 2.46 7.42
CA ASP A 71 -18.11 3.80 7.98
C ASP A 71 -17.41 4.72 6.98
N LEU A 72 -16.45 4.15 6.25
CA LEU A 72 -15.65 4.95 5.35
C LEU A 72 -16.43 5.38 4.09
N THR A 73 -17.34 4.52 3.66
CA THR A 73 -18.24 4.83 2.54
C THR A 73 -19.20 5.97 2.95
N GLN A 74 -19.67 5.93 4.18
CA GLN A 74 -20.48 7.03 4.70
C GLN A 74 -19.66 8.32 4.82
N ALA A 75 -18.42 8.21 5.31
CA ALA A 75 -17.54 9.38 5.39
C ALA A 75 -17.21 9.95 4.03
N TRP A 76 -17.04 9.08 3.03
CA TRP A 76 -16.81 9.57 1.68
C TRP A 76 -18.05 10.32 1.18
N ALA A 77 -19.23 9.80 1.49
CA ALA A 77 -20.48 10.49 1.18
C ALA A 77 -20.48 11.88 1.78
N VAL A 78 -19.99 11.99 3.02
CA VAL A 78 -19.91 13.29 3.68
C VAL A 78 -18.93 14.21 2.96
N ALA A 79 -17.81 13.65 2.51
CA ALA A 79 -16.82 14.47 1.82
C ALA A 79 -17.37 15.00 0.47
N MET A 80 -18.08 14.15 -0.25
CA MET A 80 -18.69 14.58 -1.50
C MET A 80 -19.75 15.67 -1.25
N ALA A 81 -20.62 15.43 -0.27
CA ALA A 81 -21.68 16.39 0.03
C ALA A 81 -21.09 17.76 0.39
N LEU A 82 -20.02 17.77 1.17
CA LEU A 82 -19.42 19.01 1.61
C LEU A 82 -18.40 19.53 0.61
N GLY A 83 -18.05 18.70 -0.37
CA GLY A 83 -17.06 19.07 -1.36
C GLY A 83 -15.63 19.18 -0.84
N VAL A 84 -15.28 18.35 0.15
CA VAL A 84 -13.93 18.44 0.72
C VAL A 84 -13.08 17.21 0.42
N GLU A 85 -13.36 16.53 -0.68
CA GLU A 85 -12.59 15.34 -1.04
C GLU A 85 -11.08 15.60 -1.01
N ASP A 86 -10.67 16.73 -1.57
CA ASP A 86 -9.25 17.06 -1.68
C ASP A 86 -8.59 17.26 -0.32
N LYS A 87 -9.38 17.59 0.69
CA LYS A 87 -8.83 17.88 2.01
C LYS A 87 -8.64 16.62 2.84
N VAL A 88 -9.43 15.59 2.58
CA VAL A 88 -9.43 14.42 3.46
C VAL A 88 -8.92 13.11 2.84
N THR A 89 -8.74 13.07 1.52
CA THR A 89 -8.32 11.82 0.88
C THR A 89 -6.97 11.30 1.39
N VAL A 90 -5.97 12.18 1.40
CA VAL A 90 -4.63 11.79 1.82
C VAL A 90 -4.63 11.39 3.30
N PRO A 91 -5.16 12.27 4.17
CA PRO A 91 -5.19 11.90 5.58
C PRO A 91 -6.00 10.65 5.87
N LEU A 92 -7.06 10.36 5.09
CA LEU A 92 -7.82 9.14 5.33
C LEU A 92 -6.99 7.93 4.91
N PHE A 93 -6.42 7.99 3.72
CA PHE A 93 -5.52 6.92 3.26
C PHE A 93 -4.40 6.64 4.24
N GLU A 94 -3.75 7.69 4.73
CA GLU A 94 -2.63 7.47 5.64
C GLU A 94 -3.08 7.00 7.01
N GLY A 95 -4.18 7.55 7.52
CA GLY A 95 -4.75 7.13 8.78
C GLY A 95 -5.09 5.65 8.81
N VAL A 96 -5.63 5.14 7.69
CA VAL A 96 -5.95 3.73 7.59
C VAL A 96 -4.71 2.87 7.28
N GLN A 97 -3.87 3.28 6.33
CA GLN A 97 -2.81 2.37 5.88
C GLN A 97 -1.41 2.72 6.38
N LYS A 98 -1.12 3.98 6.65
CA LYS A 98 0.25 4.31 7.03
C LYS A 98 0.43 4.29 8.54
N THR A 99 -0.27 5.20 9.21
CA THR A 99 -0.17 5.32 10.66
C THR A 99 -1.11 4.34 11.37
N GLN A 100 -2.12 3.85 10.65
CA GLN A 100 -3.12 2.96 11.23
C GLN A 100 -3.69 3.51 12.53
N THR A 101 -4.02 4.79 12.48
CA THR A 101 -4.62 5.47 13.60
C THR A 101 -6.13 5.60 13.41
N ILE A 102 -6.64 5.06 12.31
CA ILE A 102 -8.08 5.09 12.09
C ILE A 102 -8.69 3.71 12.41
N ARG A 103 -9.37 3.62 13.55
CA ARG A 103 -9.92 2.36 13.98
C ARG A 103 -11.41 2.40 14.31
N SER A 104 -12.04 3.56 14.18
CA SER A 104 -13.45 3.73 14.55
C SER A 104 -14.04 4.92 13.80
N ALA A 105 -15.36 5.03 13.78
CA ALA A 105 -16.00 6.17 13.15
C ALA A 105 -15.49 7.49 13.74
N SER A 106 -15.20 7.50 15.04
CA SER A 106 -14.72 8.70 15.74
C SER A 106 -13.34 9.14 15.24
N ASP A 107 -12.45 8.18 15.02
CA ASP A 107 -11.17 8.48 14.40
C ASP A 107 -11.37 9.07 13.01
N ILE A 108 -12.33 8.53 12.25
CA ILE A 108 -12.57 9.09 10.93
C ILE A 108 -12.99 10.54 11.11
N ARG A 109 -13.92 10.79 12.02
CA ARG A 109 -14.37 12.17 12.26
C ARG A 109 -13.19 13.09 12.59
N ASP A 110 -12.24 12.59 13.37
CA ASP A 110 -11.07 13.41 13.75
C ASP A 110 -10.34 13.95 12.54
N VAL A 111 -10.18 13.12 11.51
CA VAL A 111 -9.53 13.55 10.28
C VAL A 111 -10.21 14.76 9.65
N PHE A 112 -11.54 14.74 9.57
CA PHE A 112 -12.28 15.88 9.03
C PHE A 112 -12.12 17.12 9.92
N ILE A 113 -12.14 16.92 11.24
CA ILE A 113 -12.00 18.02 12.18
C ILE A 113 -10.64 18.68 12.00
N ASN A 114 -9.59 17.84 11.98
CA ASN A 114 -8.24 18.33 11.72
C ASN A 114 -8.07 19.03 10.35
N ALA A 115 -8.81 18.58 9.34
CA ALA A 115 -8.76 19.21 8.03
C ALA A 115 -9.61 20.49 8.02
N GLY A 116 -10.16 20.84 9.16
CA GLY A 116 -10.85 22.11 9.29
C GLY A 116 -12.33 22.12 8.96
N ILE A 117 -12.96 20.95 8.88
CA ILE A 117 -14.41 20.86 8.78
C ILE A 117 -15.00 20.99 10.18
N LYS A 118 -15.94 21.90 10.36
CA LYS A 118 -16.55 22.13 11.67
C LYS A 118 -17.25 20.88 12.19
N GLY A 119 -17.11 20.65 13.50
CA GLY A 119 -17.74 19.52 14.15
C GLY A 119 -19.24 19.47 13.88
N GLU A 120 -19.89 20.62 13.98
CA GLU A 120 -21.32 20.68 13.79
C GLU A 120 -21.67 20.30 12.36
N GLU A 121 -20.89 20.76 11.41
CA GLU A 121 -21.26 20.53 10.01
C GLU A 121 -20.87 19.11 9.58
N TYR A 122 -19.86 18.52 10.22
CA TYR A 122 -19.60 17.08 10.01
C TYR A 122 -20.77 16.22 10.46
N ASP A 123 -21.13 16.34 11.73
CA ASP A 123 -22.19 15.51 12.31
C ASP A 123 -23.51 15.70 11.62
N ALA A 124 -23.83 16.93 11.23
CA ALA A 124 -25.07 17.20 10.52
C ALA A 124 -25.09 16.46 9.17
N ALA A 125 -23.98 16.50 8.44
CA ALA A 125 -23.86 15.77 7.19
C ALA A 125 -23.89 14.26 7.42
N TRP A 126 -23.11 13.79 8.38
CA TRP A 126 -23.06 12.36 8.69
C TRP A 126 -24.46 11.78 8.89
N ASN A 127 -25.29 12.55 9.57
CA ASN A 127 -26.63 12.11 9.94
C ASN A 127 -27.69 12.43 8.88
N SER A 128 -27.30 13.13 7.82
CA SER A 128 -28.30 13.64 6.85
C SER A 128 -28.83 12.56 5.91
N PHE A 129 -30.04 12.78 5.40
CA PHE A 129 -30.60 11.88 4.41
C PHE A 129 -29.99 12.12 3.05
N VAL A 130 -29.53 13.34 2.79
CA VAL A 130 -28.74 13.59 1.58
C VAL A 130 -27.54 12.62 1.55
N VAL A 131 -26.88 12.47 2.68
CA VAL A 131 -25.74 11.56 2.75
C VAL A 131 -26.22 10.10 2.65
N LYS A 132 -27.31 9.73 3.35
CA LYS A 132 -27.87 8.37 3.21
C LYS A 132 -28.06 8.00 1.73
N SER A 133 -28.52 8.98 0.98
CA SER A 133 -28.74 8.80 -0.44
C SER A 133 -27.41 8.69 -1.21
N LEU A 134 -26.41 9.50 -0.85
CA LEU A 134 -25.11 9.40 -1.52
C LEU A 134 -24.43 8.05 -1.18
N VAL A 135 -24.72 7.51 0.00
CA VAL A 135 -24.26 6.15 0.31
C VAL A 135 -24.96 5.13 -0.61
N ALA A 136 -26.29 5.25 -0.71
CA ALA A 136 -27.06 4.41 -1.61
C ALA A 136 -26.48 4.45 -3.03
N GLN A 137 -26.11 5.65 -3.50
CA GLN A 137 -25.69 5.83 -4.88
C GLN A 137 -24.35 5.17 -5.15
N GLN A 138 -23.47 5.20 -4.16
CA GLN A 138 -22.16 4.53 -4.25
C GLN A 138 -22.36 3.03 -4.29
N GLU A 139 -23.20 2.52 -3.41
CA GLU A 139 -23.49 1.09 -3.37
C GLU A 139 -24.11 0.64 -4.69
N LYS A 140 -25.02 1.45 -5.22
CA LYS A 140 -25.72 1.05 -6.43
C LYS A 140 -24.78 0.98 -7.64
N ALA A 141 -23.92 1.99 -7.77
CA ALA A 141 -22.96 2.02 -8.87
C ALA A 141 -22.09 0.77 -8.86
N ALA A 142 -21.54 0.45 -7.69
CA ALA A 142 -20.76 -0.75 -7.50
C ALA A 142 -21.56 -2.00 -7.86
N ALA A 143 -22.82 -2.04 -7.42
CA ALA A 143 -23.68 -3.22 -7.62
C ALA A 143 -23.94 -3.48 -9.09
N ASP A 144 -24.20 -2.41 -9.84
CA ASP A 144 -24.48 -2.51 -11.26
C ASP A 144 -23.41 -3.25 -12.07
N VAL A 145 -22.20 -3.40 -11.52
CA VAL A 145 -21.13 -4.09 -12.25
C VAL A 145 -20.49 -5.22 -11.44
N GLN A 146 -21.24 -5.74 -10.46
CA GLN A 146 -20.76 -6.77 -9.53
C GLN A 146 -19.29 -6.61 -9.14
N LEU A 147 -18.92 -5.39 -8.78
CA LEU A 147 -17.56 -5.03 -8.40
C LEU A 147 -17.02 -5.91 -7.29
N ARG A 148 -15.92 -6.61 -7.56
CA ARG A 148 -15.29 -7.45 -6.55
C ARG A 148 -13.85 -7.06 -6.32
N GLY A 149 -13.39 -6.03 -7.02
CA GLY A 149 -12.02 -5.57 -6.86
C GLY A 149 -11.83 -4.09 -7.10
N VAL A 150 -10.89 -3.50 -6.39
CA VAL A 150 -10.50 -2.12 -6.58
C VAL A 150 -8.97 -2.01 -6.53
N PRO A 151 -8.39 -0.96 -7.11
CA PRO A 151 -9.06 0.16 -7.79
C PRO A 151 -9.66 -0.26 -9.12
N ALA A 152 -10.79 0.34 -9.47
CA ALA A 152 -11.48 -0.01 -10.70
C ALA A 152 -11.90 1.26 -11.39
N MET A 153 -11.81 1.27 -12.71
CA MET A 153 -12.35 2.38 -13.48
C MET A 153 -13.20 1.89 -14.64
N PHE A 154 -14.38 2.48 -14.78
CA PHE A 154 -15.29 2.12 -15.85
C PHE A 154 -15.51 3.35 -16.74
N VAL A 155 -15.61 3.12 -18.05
CA VAL A 155 -15.84 4.21 -19.02
C VAL A 155 -17.20 4.00 -19.67
N ASN A 156 -18.08 4.98 -19.54
CA ASN A 156 -19.41 4.95 -20.17
C ASN A 156 -20.22 3.70 -19.85
N GLY A 157 -20.02 3.16 -18.66
CA GLY A 157 -20.81 2.00 -18.23
C GLY A 157 -20.61 0.74 -19.05
N LYS A 158 -19.62 0.74 -19.94
CA LYS A 158 -19.40 -0.39 -20.83
C LYS A 158 -18.03 -1.04 -20.64
N TYR A 159 -17.01 -0.20 -20.49
CA TYR A 159 -15.62 -0.66 -20.48
C TYR A 159 -14.97 -0.52 -19.11
N GLN A 160 -14.19 -1.55 -18.75
CA GLN A 160 -13.46 -1.57 -17.51
C GLN A 160 -11.96 -1.66 -17.78
N LEU A 161 -11.19 -0.76 -17.18
CA LEU A 161 -9.75 -0.75 -17.34
C LEU A 161 -9.13 -2.02 -16.78
N ASN A 162 -8.14 -2.55 -17.49
CA ASN A 162 -7.40 -3.70 -17.02
C ASN A 162 -5.93 -3.37 -16.76
N PRO A 163 -5.63 -2.84 -15.56
CA PRO A 163 -4.28 -2.37 -15.23
C PRO A 163 -3.21 -3.46 -15.29
N GLN A 164 -3.60 -4.71 -15.08
CA GLN A 164 -2.62 -5.81 -15.10
C GLN A 164 -2.22 -6.13 -16.54
N GLY A 165 -2.90 -5.53 -17.50
CA GLY A 165 -2.48 -5.62 -18.88
C GLY A 165 -1.49 -4.52 -19.26
N MET A 166 -0.83 -3.90 -18.29
CA MET A 166 0.04 -2.74 -18.55
C MET A 166 1.42 -2.83 -17.88
N ASP A 167 2.38 -2.09 -18.41
CA ASP A 167 3.76 -2.16 -17.90
C ASP A 167 3.85 -1.64 -16.48
N THR A 168 4.45 -2.42 -15.59
CA THR A 168 4.70 -1.93 -14.22
C THR A 168 6.19 -1.83 -13.91
N SER A 169 7.03 -1.84 -14.95
CA SER A 169 8.46 -1.62 -14.77
C SER A 169 8.72 -0.15 -14.47
N ASN A 170 7.81 0.68 -14.97
CA ASN A 170 7.97 2.12 -14.89
C ASN A 170 6.65 2.76 -14.51
N MET A 171 6.63 3.42 -13.36
CA MET A 171 5.40 4.03 -12.85
C MET A 171 4.82 5.13 -13.77
N ASP A 172 5.68 5.89 -14.40
CA ASP A 172 5.22 6.99 -15.22
C ASP A 172 4.61 6.46 -16.53
N VAL A 173 5.20 5.40 -17.09
CA VAL A 173 4.64 4.77 -18.28
C VAL A 173 3.28 4.11 -18.00
N PHE A 174 3.17 3.47 -16.84
CA PHE A 174 1.92 2.84 -16.41
C PHE A 174 0.79 3.88 -16.43
N VAL A 175 0.99 4.95 -15.67
CA VAL A 175 0.06 6.05 -15.59
C VAL A 175 -0.34 6.57 -16.97
N GLN A 176 0.62 6.85 -17.84
N GLN A 176 0.67 6.84 -17.80
CA GLN A 176 0.25 7.40 -19.14
CA GLN A 176 0.48 7.33 -19.16
C GLN A 176 -0.44 6.35 -20.00
C GLN A 176 -0.38 6.37 -19.97
N GLN A 177 -0.08 5.08 -19.82
CA GLN A 177 -0.76 4.03 -20.54
C GLN A 177 -2.20 3.90 -20.06
N TYR A 178 -2.36 4.05 -18.75
CA TYR A 178 -3.67 4.01 -18.13
C TYR A 178 -4.53 5.18 -18.64
N ALA A 179 -4.00 6.39 -18.53
CA ALA A 179 -4.70 7.59 -18.98
C ALA A 179 -5.01 7.57 -20.47
N ASP A 180 -4.04 7.16 -21.29
CA ASP A 180 -4.26 7.05 -22.73
C ASP A 180 -5.34 6.03 -23.05
N THR A 181 -5.43 4.97 -22.24
CA THR A 181 -6.44 3.96 -22.48
C THR A 181 -7.83 4.50 -22.16
N VAL A 182 -7.94 5.22 -21.04
CA VAL A 182 -9.20 5.88 -20.71
C VAL A 182 -9.62 6.84 -21.84
N LYS A 183 -8.67 7.62 -22.36
CA LYS A 183 -8.97 8.56 -23.46
C LYS A 183 -9.53 7.81 -24.68
N TYR A 184 -8.83 6.77 -25.12
CA TYR A 184 -9.28 5.91 -26.23
C TYR A 184 -10.68 5.35 -25.99
N LEU A 185 -10.91 4.83 -24.79
CA LEU A 185 -12.19 4.22 -24.46
C LEU A 185 -13.32 5.25 -24.49
N SER A 186 -13.03 6.47 -24.05
CA SER A 186 -14.02 7.53 -24.05
C SER A 186 -14.37 8.03 -25.46
N GLU A 187 -13.47 7.81 -26.41
CA GLU A 187 -13.66 8.28 -27.79
C GLU A 187 -14.39 7.22 -28.64
N LYS A 188 -14.82 6.14 -28.00
CA LYS A 188 -15.65 5.13 -28.66
C LYS A 188 -17.14 5.43 -28.50
N ALA B 1 0.56 -16.45 30.63
CA ALA B 1 -0.66 -15.67 30.55
C ALA B 1 -0.44 -14.21 30.18
N GLN B 2 0.78 -13.68 30.26
CA GLN B 2 0.98 -12.35 29.70
C GLN B 2 0.91 -12.52 28.18
N TYR B 3 1.77 -13.40 27.66
CA TYR B 3 1.82 -13.73 26.26
C TYR B 3 0.87 -14.89 25.95
N GLU B 4 -0.10 -14.60 25.08
CA GLU B 4 -1.09 -15.58 24.71
C GLU B 4 -1.07 -15.75 23.20
N ASP B 5 -1.06 -17.01 22.76
CA ASP B 5 -1.10 -17.31 21.34
C ASP B 5 -2.32 -16.70 20.68
N GLY B 6 -2.11 -16.02 19.57
CA GLY B 6 -3.18 -15.28 18.92
C GLY B 6 -3.32 -13.89 19.48
N LYS B 7 -2.63 -13.58 20.58
CA LYS B 7 -2.65 -12.21 21.06
C LYS B 7 -1.44 -11.43 20.47
N GLN B 8 -0.28 -11.49 21.12
CA GLN B 8 0.89 -10.73 20.63
C GLN B 8 1.54 -11.42 19.44
N TYR B 9 1.22 -12.69 19.24
CA TYR B 9 1.86 -13.47 18.17
C TYR B 9 0.93 -14.62 17.77
N THR B 10 1.27 -15.24 16.65
CA THR B 10 0.62 -16.49 16.24
C THR B 10 1.72 -17.51 15.97
N THR B 11 1.33 -18.75 15.72
CA THR B 11 2.29 -19.85 15.57
C THR B 11 2.13 -20.52 14.22
N LEU B 12 3.22 -20.64 13.48
CA LEU B 12 3.19 -21.27 12.15
C LEU B 12 2.77 -22.75 12.23
N GLU B 13 1.83 -23.15 11.37
CA GLU B 13 1.41 -24.54 11.30
C GLU B 13 2.60 -25.43 10.91
N LYS B 14 3.34 -25.01 9.88
CA LYS B 14 4.45 -25.80 9.36
C LYS B 14 5.78 -25.04 9.46
N PRO B 15 6.39 -25.04 10.66
CA PRO B 15 7.64 -24.36 11.00
C PRO B 15 8.73 -24.53 9.97
N VAL B 16 9.57 -23.51 9.81
CA VAL B 16 10.63 -23.53 8.82
C VAL B 16 11.97 -23.78 9.50
N ALA B 17 12.66 -24.82 9.05
CA ALA B 17 13.93 -25.16 9.66
C ALA B 17 15.06 -24.38 9.01
N GLY B 18 16.00 -23.92 9.84
CA GLY B 18 17.16 -23.21 9.36
C GLY B 18 16.92 -21.72 9.15
N ALA B 19 15.72 -21.25 9.48
CA ALA B 19 15.38 -19.84 9.30
C ALA B 19 16.12 -18.98 10.32
N PRO B 20 16.33 -17.70 9.98
CA PRO B 20 16.96 -16.70 10.86
C PRO B 20 16.21 -16.59 12.18
N GLN B 21 16.88 -16.16 13.25
CA GLN B 21 16.22 -16.14 14.55
C GLN B 21 15.20 -15.02 14.60
N VAL B 22 15.53 -13.90 13.98
CA VAL B 22 14.61 -12.77 13.81
C VAL B 22 14.62 -12.35 12.34
N LEU B 23 13.53 -12.64 11.65
CA LEU B 23 13.45 -12.32 10.25
C LEU B 23 12.35 -11.30 10.02
N GLU B 24 12.73 -10.17 9.43
CA GLU B 24 11.78 -9.11 9.11
C GLU B 24 11.59 -9.04 7.60
N PHE B 25 10.37 -8.73 7.16
CA PHE B 25 10.11 -8.46 5.76
C PHE B 25 9.54 -7.05 5.61
N PHE B 26 9.95 -6.35 4.56
CA PHE B 26 9.42 -5.04 4.26
C PHE B 26 9.34 -4.82 2.75
N SER B 27 8.80 -3.67 2.38
CA SER B 27 8.83 -3.23 0.99
C SER B 27 8.99 -1.73 0.97
N PHE B 28 9.72 -1.20 0.01
CA PHE B 28 9.87 0.25 -0.05
C PHE B 28 8.58 0.93 -0.54
N PHE B 29 7.65 0.13 -1.10
CA PHE B 29 6.32 0.58 -1.52
C PHE B 29 5.30 0.58 -0.38
N CYS B 30 5.59 -0.18 0.67
CA CYS B 30 4.68 -0.36 1.80
C CYS B 30 4.73 0.83 2.77
N PRO B 31 3.60 1.56 2.89
CA PRO B 31 3.51 2.76 3.75
C PRO B 31 3.65 2.45 5.25
N HIS B 32 3.03 1.36 5.70
CA HIS B 32 3.09 1.00 7.10
C HIS B 32 4.51 0.53 7.48
N CYS B 33 5.23 -0.04 6.50
CA CYS B 33 6.63 -0.40 6.68
C CYS B 33 7.49 0.86 6.92
N TYR B 34 7.23 1.88 6.10
CA TYR B 34 7.88 3.17 6.20
C TYR B 34 7.63 3.71 7.59
N GLN B 35 6.37 3.62 8.02
CA GLN B 35 5.97 4.03 9.38
C GLN B 35 6.69 3.23 10.47
N PHE B 36 6.70 1.90 10.32
CA PHE B 36 7.44 1.02 11.22
C PHE B 36 8.92 1.43 11.33
N GLU B 37 9.58 1.57 10.19
CA GLU B 37 11.03 1.71 10.21
C GLU B 37 11.46 3.11 10.65
N GLU B 38 10.75 4.14 10.17
CA GLU B 38 11.23 5.51 10.26
C GLU B 38 10.43 6.38 11.22
N VAL B 39 9.23 5.97 11.59
CA VAL B 39 8.45 6.77 12.54
C VAL B 39 8.38 6.11 13.92
N LEU B 40 7.97 4.85 13.99
CA LEU B 40 7.92 4.12 15.25
C LEU B 40 9.29 3.61 15.69
N HIS B 41 10.18 3.37 14.73
CA HIS B 41 11.50 2.79 15.00
C HIS B 41 11.37 1.42 15.64
N ILE B 42 10.56 0.56 15.00
CA ILE B 42 10.30 -0.75 15.56
C ILE B 42 11.57 -1.59 15.61
N SER B 43 12.25 -1.71 14.46
CA SER B 43 13.47 -2.50 14.38
C SER B 43 14.55 -1.99 15.36
N ASP B 44 14.59 -0.68 15.61
CA ASP B 44 15.51 -0.13 16.61
C ASP B 44 15.20 -0.61 18.01
N ASN B 45 13.93 -0.48 18.38
CA ASN B 45 13.52 -0.86 19.70
C ASN B 45 13.59 -2.38 19.89
N VAL B 46 13.31 -3.14 18.84
CA VAL B 46 13.50 -4.59 18.93
C VAL B 46 14.98 -4.93 19.16
N LYS B 47 15.84 -4.40 18.29
CA LYS B 47 17.28 -4.66 18.37
C LYS B 47 17.83 -4.32 19.74
N LYS B 48 17.36 -3.21 20.33
CA LYS B 48 17.89 -2.77 21.61
C LYS B 48 17.59 -3.78 22.72
N LYS B 49 16.54 -4.59 22.56
CA LYS B 49 16.16 -5.54 23.61
C LYS B 49 16.50 -6.99 23.25
N LEU B 50 17.11 -7.21 22.10
CA LEU B 50 17.43 -8.58 21.69
C LEU B 50 18.49 -9.20 22.57
N PRO B 51 18.28 -10.48 22.97
CA PRO B 51 19.28 -11.18 23.77
C PRO B 51 20.55 -11.26 22.95
N GLU B 52 21.70 -11.20 23.60
CA GLU B 52 22.94 -11.07 22.84
C GLU B 52 23.34 -12.41 22.19
N GLY B 53 23.70 -12.32 20.92
CA GLY B 53 23.87 -13.48 20.06
C GLY B 53 22.91 -13.38 18.89
N VAL B 54 21.67 -12.99 19.20
CA VAL B 54 20.62 -12.90 18.19
C VAL B 54 20.85 -11.72 17.25
N LYS B 55 21.12 -12.01 15.98
CA LYS B 55 21.25 -10.97 14.97
C LYS B 55 19.94 -10.81 14.19
N MET B 56 19.73 -9.64 13.62
CA MET B 56 18.47 -9.33 12.95
C MET B 56 18.62 -9.41 11.45
N THR B 57 17.69 -10.07 10.79
CA THR B 57 17.74 -10.18 9.34
C THR B 57 16.54 -9.47 8.72
N LYS B 58 16.78 -8.68 7.68
CA LYS B 58 15.68 -8.00 7.02
C LYS B 58 15.69 -8.22 5.52
N TYR B 59 14.58 -8.75 5.00
CA TYR B 59 14.45 -8.97 3.56
C TYR B 59 13.36 -8.10 2.95
N HIS B 60 13.49 -7.87 1.64
CA HIS B 60 12.57 -7.07 0.87
C HIS B 60 11.68 -8.04 0.08
N VAL B 61 10.45 -7.66 -0.24
CA VAL B 61 9.55 -8.53 -1.00
C VAL B 61 9.19 -7.96 -2.36
N ASN B 62 8.78 -8.84 -3.28
CA ASN B 62 8.50 -8.45 -4.67
C ASN B 62 7.05 -8.02 -4.91
N PHE B 63 6.15 -8.49 -4.06
CA PHE B 63 4.74 -8.51 -4.40
C PHE B 63 4.04 -7.18 -4.15
N MET B 64 4.82 -6.16 -3.82
CA MET B 64 4.34 -4.81 -3.99
C MET B 64 5.07 -4.19 -5.19
N GLY B 65 4.48 -3.14 -5.76
CA GLY B 65 5.17 -2.32 -6.73
C GLY B 65 5.47 -2.93 -8.09
N GLY B 66 4.67 -3.91 -8.49
CA GLY B 66 4.86 -4.58 -9.78
C GLY B 66 6.28 -5.03 -10.05
N ASP B 67 6.74 -4.83 -11.29
CA ASP B 67 8.10 -5.18 -11.68
C ASP B 67 9.11 -4.29 -10.98
N LEU B 68 8.75 -3.03 -10.80
CA LEU B 68 9.62 -2.13 -10.04
C LEU B 68 9.91 -2.75 -8.67
N GLY B 69 8.89 -3.38 -8.08
CA GLY B 69 9.06 -4.06 -6.81
C GLY B 69 10.16 -5.10 -6.87
N LYS B 70 10.21 -5.84 -7.96
CA LYS B 70 11.26 -6.83 -8.15
C LYS B 70 12.64 -6.18 -8.11
N ASP B 71 12.78 -5.08 -8.86
CA ASP B 71 14.07 -4.39 -8.95
C ASP B 71 14.53 -3.88 -7.60
N LEU B 72 13.57 -3.41 -6.81
CA LEU B 72 13.86 -2.95 -5.46
C LEU B 72 14.37 -4.11 -4.61
N THR B 73 13.84 -5.29 -4.86
CA THR B 73 14.26 -6.43 -4.07
C THR B 73 15.72 -6.76 -4.38
N GLN B 74 16.09 -6.62 -5.66
CA GLN B 74 17.48 -6.85 -6.07
C GLN B 74 18.40 -5.73 -5.55
N ALA B 75 17.88 -4.50 -5.56
CA ALA B 75 18.61 -3.36 -5.02
C ALA B 75 18.89 -3.55 -3.56
N TRP B 76 17.95 -4.17 -2.84
CA TRP B 76 18.17 -4.43 -1.42
C TRP B 76 19.21 -5.52 -1.26
N ALA B 77 19.27 -6.43 -2.23
CA ALA B 77 20.33 -7.42 -2.19
C ALA B 77 21.67 -6.70 -2.36
N VAL B 78 21.70 -5.70 -3.24
CA VAL B 78 22.91 -4.94 -3.45
C VAL B 78 23.27 -4.16 -2.17
N ALA B 79 22.26 -3.61 -1.50
CA ALA B 79 22.49 -2.88 -0.27
C ALA B 79 23.11 -3.78 0.79
N MET B 80 22.60 -5.01 0.90
CA MET B 80 23.15 -5.95 1.87
C MET B 80 24.59 -6.33 1.48
N ALA B 81 24.81 -6.60 0.20
CA ALA B 81 26.11 -7.10 -0.23
C ALA B 81 27.18 -6.01 -0.10
N LEU B 82 26.81 -4.76 -0.34
CA LEU B 82 27.73 -3.63 -0.23
C LEU B 82 27.79 -3.09 1.20
N GLY B 83 26.92 -3.60 2.07
CA GLY B 83 26.81 -3.08 3.42
C GLY B 83 26.42 -1.62 3.52
N VAL B 84 25.44 -1.19 2.73
CA VAL B 84 25.01 0.22 2.75
C VAL B 84 23.52 0.40 3.13
N GLU B 85 22.96 -0.57 3.83
CA GLU B 85 21.58 -0.48 4.32
C GLU B 85 21.31 0.83 5.04
N ASP B 86 22.24 1.27 5.88
CA ASP B 86 22.00 2.44 6.70
C ASP B 86 22.35 3.73 5.96
N LYS B 87 22.55 3.65 4.65
CA LYS B 87 22.77 4.87 3.87
C LYS B 87 21.68 5.10 2.83
N VAL B 88 21.15 4.01 2.27
CA VAL B 88 20.18 4.11 1.18
C VAL B 88 18.72 3.81 1.58
N THR B 89 18.51 3.34 2.80
CA THR B 89 17.15 2.99 3.23
C THR B 89 16.21 4.19 3.15
N VAL B 90 16.66 5.32 3.68
CA VAL B 90 15.88 6.56 3.65
C VAL B 90 15.66 7.12 2.23
N PRO B 91 16.75 7.27 1.45
CA PRO B 91 16.48 7.76 0.09
C PRO B 91 15.58 6.80 -0.70
N LEU B 92 15.57 5.51 -0.37
CA LEU B 92 14.72 4.61 -1.12
C LEU B 92 13.26 4.80 -0.70
N PHE B 93 12.96 4.76 0.61
CA PHE B 93 11.60 5.09 1.10
C PHE B 93 11.11 6.45 0.58
N GLU B 94 11.92 7.48 0.76
CA GLU B 94 11.52 8.81 0.33
C GLU B 94 11.37 8.85 -1.20
N GLY B 95 12.29 8.21 -1.91
CA GLY B 95 12.27 8.20 -3.36
C GLY B 95 11.02 7.57 -3.92
N VAL B 96 10.57 6.48 -3.32
CA VAL B 96 9.39 5.80 -3.81
C VAL B 96 8.11 6.50 -3.35
N GLN B 97 8.05 6.86 -2.08
CA GLN B 97 6.77 7.24 -1.46
C GLN B 97 6.61 8.75 -1.25
N LYS B 98 7.73 9.47 -1.10
CA LYS B 98 7.66 10.88 -0.69
C LYS B 98 7.91 11.85 -1.84
N THR B 99 9.17 12.01 -2.22
CA THR B 99 9.55 12.89 -3.33
C THR B 99 9.13 12.30 -4.67
N GLN B 100 8.96 10.98 -4.70
CA GLN B 100 8.50 10.28 -5.91
C GLN B 100 9.45 10.53 -7.09
N THR B 101 10.74 10.35 -6.84
CA THR B 101 11.75 10.50 -7.85
C THR B 101 12.27 9.13 -8.26
N ILE B 102 11.73 8.09 -7.64
CA ILE B 102 12.06 6.71 -8.03
C ILE B 102 10.90 6.07 -8.76
N ARG B 103 11.02 5.97 -10.08
CA ARG B 103 9.95 5.56 -10.96
C ARG B 103 10.37 4.35 -11.79
N SER B 104 11.66 4.03 -11.73
CA SER B 104 12.24 2.97 -12.55
C SER B 104 13.58 2.50 -11.96
N ALA B 105 14.10 1.39 -12.46
CA ALA B 105 15.33 0.80 -11.94
C ALA B 105 16.47 1.82 -12.01
N SER B 106 16.46 2.60 -13.07
CA SER B 106 17.50 3.60 -13.28
C SER B 106 17.55 4.59 -12.13
N ASP B 107 16.39 4.99 -11.62
CA ASP B 107 16.36 5.93 -10.52
C ASP B 107 16.90 5.30 -9.23
N ILE B 108 16.79 3.97 -9.11
CA ILE B 108 17.32 3.25 -7.96
C ILE B 108 18.84 3.33 -7.96
N ARG B 109 19.43 3.14 -9.13
CA ARG B 109 20.87 3.29 -9.31
C ARG B 109 21.36 4.67 -8.89
N ASP B 110 20.66 5.72 -9.29
CA ASP B 110 21.08 7.07 -8.92
C ASP B 110 21.14 7.26 -7.40
N VAL B 111 20.30 6.55 -6.67
CA VAL B 111 20.27 6.67 -5.23
C VAL B 111 21.58 6.15 -4.64
N PHE B 112 22.05 5.01 -5.13
CA PHE B 112 23.29 4.43 -4.63
C PHE B 112 24.45 5.33 -5.07
N ILE B 113 24.41 5.80 -6.31
CA ILE B 113 25.47 6.69 -6.81
C ILE B 113 25.49 7.99 -6.02
N ASN B 114 24.32 8.48 -5.63
CA ASN B 114 24.27 9.71 -4.84
C ASN B 114 24.71 9.54 -3.39
N ALA B 115 24.59 8.31 -2.89
CA ALA B 115 25.08 8.01 -1.54
C ALA B 115 26.55 7.62 -1.56
N GLY B 116 27.22 7.83 -2.70
CA GLY B 116 28.67 7.65 -2.79
C GLY B 116 29.19 6.34 -3.37
N ILE B 117 28.30 5.46 -3.81
CA ILE B 117 28.75 4.22 -4.43
C ILE B 117 29.01 4.46 -5.90
N LYS B 118 30.20 4.09 -6.38
CA LYS B 118 30.53 4.29 -7.78
C LYS B 118 29.57 3.47 -8.65
N GLY B 119 29.20 4.04 -9.80
CA GLY B 119 28.33 3.38 -10.74
C GLY B 119 28.78 1.99 -11.17
N GLU B 120 30.07 1.82 -11.44
CA GLU B 120 30.56 0.53 -11.90
C GLU B 120 30.54 -0.49 -10.77
N GLU B 121 30.67 -0.02 -9.54
CA GLU B 121 30.65 -0.91 -8.40
C GLU B 121 29.21 -1.36 -8.13
N TYR B 122 28.27 -0.43 -8.29
CA TYR B 122 26.85 -0.79 -8.21
C TYR B 122 26.51 -1.84 -9.24
N ASP B 123 26.92 -1.59 -10.47
CA ASP B 123 26.58 -2.49 -11.55
C ASP B 123 27.23 -3.85 -11.35
N ALA B 124 28.45 -3.86 -10.85
CA ALA B 124 29.13 -5.11 -10.59
C ALA B 124 28.42 -5.89 -9.47
N ALA B 125 28.05 -5.22 -8.40
CA ALA B 125 27.31 -5.89 -7.35
C ALA B 125 25.98 -6.38 -7.90
N TRP B 126 25.33 -5.55 -8.70
CA TRP B 126 23.99 -5.86 -9.20
C TRP B 126 24.00 -7.17 -9.98
N ASN B 127 25.14 -7.49 -10.61
CA ASN B 127 25.25 -8.68 -11.42
C ASN B 127 26.03 -9.78 -10.74
N SER B 128 26.44 -9.56 -9.51
CA SER B 128 27.26 -10.53 -8.81
C SER B 128 26.49 -11.80 -8.51
N PHE B 129 27.24 -12.87 -8.24
CA PHE B 129 26.66 -14.12 -7.84
C PHE B 129 26.07 -13.96 -6.45
N VAL B 130 26.79 -13.24 -5.60
CA VAL B 130 26.35 -13.08 -4.22
C VAL B 130 25.01 -12.34 -4.19
N VAL B 131 24.79 -11.44 -5.13
CA VAL B 131 23.51 -10.74 -5.18
C VAL B 131 22.43 -11.67 -5.73
N LYS B 132 22.72 -12.37 -6.82
CA LYS B 132 21.80 -13.36 -7.39
C LYS B 132 21.41 -14.40 -6.33
N SER B 133 22.37 -14.73 -5.47
CA SER B 133 22.12 -15.64 -4.37
C SER B 133 21.19 -15.01 -3.33
N LEU B 134 21.38 -13.72 -3.08
CA LEU B 134 20.62 -13.02 -2.06
C LEU B 134 19.17 -12.76 -2.48
N VAL B 135 18.95 -12.56 -3.78
CA VAL B 135 17.59 -12.43 -4.30
C VAL B 135 16.84 -13.74 -4.08
N ALA B 136 17.49 -14.85 -4.42
CA ALA B 136 16.90 -16.18 -4.24
C ALA B 136 16.63 -16.49 -2.75
N GLN B 137 17.55 -16.08 -1.86
CA GLN B 137 17.31 -16.29 -0.43
C GLN B 137 16.08 -15.53 0.07
N GLN B 138 15.92 -14.28 -0.39
CA GLN B 138 14.79 -13.47 0.07
C GLN B 138 13.49 -14.07 -0.41
N GLU B 139 13.52 -14.57 -1.64
CA GLU B 139 12.32 -15.11 -2.24
C GLU B 139 11.91 -16.36 -1.50
N LYS B 140 12.85 -17.27 -1.28
CA LYS B 140 12.53 -18.53 -0.65
C LYS B 140 12.08 -18.34 0.81
N ALA B 141 12.70 -17.39 1.51
CA ALA B 141 12.28 -17.14 2.89
C ALA B 141 10.80 -16.74 2.94
N ALA B 142 10.38 -15.89 2.01
CA ALA B 142 8.99 -15.49 1.89
C ALA B 142 8.10 -16.71 1.64
N ALA B 143 8.52 -17.56 0.71
CA ALA B 143 7.82 -18.80 0.40
C ALA B 143 7.67 -19.66 1.64
N ASP B 144 8.79 -19.89 2.33
CA ASP B 144 8.84 -20.79 3.46
C ASP B 144 7.78 -20.47 4.52
N VAL B 145 7.47 -19.18 4.67
CA VAL B 145 6.48 -18.75 5.65
C VAL B 145 5.16 -18.39 4.99
N GLN B 146 5.05 -18.67 3.70
CA GLN B 146 3.88 -18.31 2.90
C GLN B 146 3.48 -16.89 3.22
N LEU B 147 4.43 -15.98 3.04
CA LEU B 147 4.21 -14.58 3.37
C LEU B 147 3.07 -14.03 2.53
N ARG B 148 2.14 -13.31 3.15
CA ARG B 148 1.11 -12.71 2.34
C ARG B 148 1.02 -11.19 2.50
N GLY B 149 1.79 -10.62 3.42
CA GLY B 149 1.80 -9.18 3.57
C GLY B 149 2.98 -8.66 4.38
N VAL B 150 3.22 -7.36 4.27
CA VAL B 150 4.22 -6.71 5.10
C VAL B 150 3.58 -5.48 5.70
N PRO B 151 4.20 -4.93 6.76
CA PRO B 151 5.41 -5.47 7.39
C PRO B 151 5.13 -6.79 8.10
N ALA B 152 6.17 -7.55 8.40
CA ALA B 152 6.02 -8.81 9.11
C ALA B 152 7.33 -9.24 9.75
N MET B 153 7.24 -9.93 10.87
CA MET B 153 8.46 -10.38 11.57
C MET B 153 8.26 -11.79 12.10
N PHE B 154 9.30 -12.61 11.99
CA PHE B 154 9.22 -14.01 12.41
C PHE B 154 10.37 -14.41 13.32
N VAL B 155 10.06 -15.14 14.38
CA VAL B 155 11.10 -15.56 15.32
C VAL B 155 11.36 -17.06 15.15
N ASN B 156 12.60 -17.40 14.81
CA ASN B 156 13.02 -18.79 14.70
C ASN B 156 12.16 -19.64 13.79
N GLY B 157 11.56 -19.02 12.78
CA GLY B 157 10.75 -19.77 11.82
C GLY B 157 9.53 -20.42 12.45
N LYS B 158 9.17 -19.98 13.64
CA LYS B 158 8.11 -20.64 14.39
C LYS B 158 6.97 -19.69 14.75
N TYR B 159 7.31 -18.44 15.04
CA TYR B 159 6.33 -17.47 15.53
C TYR B 159 6.26 -16.23 14.65
N GLN B 160 5.05 -15.75 14.43
CA GLN B 160 4.85 -14.54 13.66
C GLN B 160 4.30 -13.46 14.58
N LEU B 161 4.94 -12.30 14.55
CA LEU B 161 4.49 -11.18 15.35
C LEU B 161 3.09 -10.80 14.92
N ASN B 162 2.25 -10.46 15.91
CA ASN B 162 0.86 -10.06 15.64
C ASN B 162 0.54 -8.70 16.23
N PRO B 163 1.07 -7.62 15.61
CA PRO B 163 0.84 -6.26 16.10
C PRO B 163 -0.65 -5.95 16.22
N GLN B 164 -1.47 -6.59 15.40
CA GLN B 164 -2.92 -6.45 15.42
C GLN B 164 -3.52 -6.71 16.80
N GLY B 165 -2.90 -7.60 17.56
CA GLY B 165 -3.44 -7.97 18.86
C GLY B 165 -2.83 -7.21 20.03
N MET B 166 -1.94 -6.27 19.74
CA MET B 166 -1.23 -5.53 20.78
C MET B 166 -1.98 -4.27 21.17
N ASP B 167 -1.49 -3.53 22.16
CA ASP B 167 -2.12 -2.24 22.57
C ASP B 167 -1.79 -1.17 21.54
N THR B 168 -2.78 -0.70 20.77
CA THR B 168 -2.54 0.26 19.66
C THR B 168 -2.92 1.67 20.06
N SER B 169 -3.32 1.86 21.31
CA SER B 169 -3.60 3.22 21.80
C SER B 169 -2.28 3.95 21.96
N ASN B 170 -1.49 3.54 22.96
CA ASN B 170 -0.21 4.23 23.25
C ASN B 170 0.88 3.60 22.39
N MET B 171 1.43 4.38 21.47
CA MET B 171 2.44 3.82 20.56
C MET B 171 3.73 3.60 21.34
N ASP B 172 3.98 4.41 22.36
CA ASP B 172 5.16 4.18 23.22
C ASP B 172 5.04 2.78 23.86
N VAL B 173 3.87 2.47 24.39
CA VAL B 173 3.68 1.14 24.98
C VAL B 173 3.66 0.07 23.88
N PHE B 174 2.97 0.39 22.78
CA PHE B 174 2.90 -0.54 21.65
C PHE B 174 4.26 -0.96 21.17
N VAL B 175 5.14 0.02 20.99
CA VAL B 175 6.47 -0.25 20.45
C VAL B 175 7.26 -1.16 21.39
N GLN B 176 7.25 -0.86 22.68
CA GLN B 176 7.94 -1.74 23.63
C GLN B 176 7.26 -3.10 23.75
N GLN B 177 5.93 -3.14 23.68
CA GLN B 177 5.21 -4.41 23.64
C GLN B 177 5.68 -5.26 22.47
N TYR B 178 5.81 -4.63 21.29
CA TYR B 178 6.32 -5.33 20.12
C TYR B 178 7.76 -5.84 20.37
N ALA B 179 8.60 -4.98 20.93
CA ALA B 179 10.00 -5.34 21.17
C ALA B 179 10.10 -6.44 22.24
N ASP B 180 9.30 -6.31 23.30
CA ASP B 180 9.33 -7.30 24.37
C ASP B 180 8.80 -8.64 23.87
N THR B 181 7.86 -8.60 22.92
CA THR B 181 7.30 -9.82 22.38
C THR B 181 8.35 -10.56 21.58
N VAL B 182 9.14 -9.83 20.80
CA VAL B 182 10.22 -10.47 20.05
C VAL B 182 11.23 -11.08 21.01
N LYS B 183 11.57 -10.34 22.06
CA LYS B 183 12.57 -10.80 23.03
C LYS B 183 12.06 -12.08 23.71
N TYR B 184 10.78 -12.09 24.07
CA TYR B 184 10.16 -13.25 24.74
C TYR B 184 10.13 -14.49 23.86
N LEU B 185 9.71 -14.31 22.62
CA LEU B 185 9.63 -15.43 21.69
C LEU B 185 11.00 -16.02 21.39
N SER B 186 12.04 -15.20 21.46
CA SER B 186 13.39 -15.65 21.12
C SER B 186 13.97 -16.48 22.27
N GLU B 187 13.41 -16.29 23.45
CA GLU B 187 13.85 -16.99 24.65
C GLU B 187 13.08 -18.31 24.88
N LYS B 188 12.08 -18.58 24.04
CA LYS B 188 11.35 -19.84 24.10
C LYS B 188 12.22 -20.97 23.58
#